data_8Q6F
#
_entry.id   8Q6F
#
_cell.length_a   59.211
_cell.length_b   67.553
_cell.length_c   106.932
_cell.angle_alpha   90.00
_cell.angle_beta   90.00
_cell.angle_gamma   90.00
#
_symmetry.space_group_name_H-M   'P 21 21 21'
#
loop_
_entity.id
_entity.type
_entity.pdbx_description
1 polymer 'Phosphatidylinositol 4-kinase beta'
2 non-polymer 3-(3-fluorosulfonyloxy-4-methoxy-phenyl)-2,5-dimethyl-7-(pyridin-4-ylmethylamino)pyrazolo[1,5-a]pyrimidine
3 non-polymer 'MAGNESIUM ION'
4 non-polymer 1,2-ETHANEDIOL
5 non-polymer GLYCEROL
6 water water
#
_entity_poly.entity_id   1
_entity_poly.type   'polypeptide(L)'
_entity_poly.pdbx_seq_one_letter_code
;GRTASNPKVENEDEPVRLAPEREFIKSLMAIGKRLATLPTKEQKTQRLISELSLLNHKLPARVWLPTAGFDHHVVRVPHT
QAVVLNSKDKAPYLIYVEVLECENFDTTSVPARIPENRIQSTQSVETAFKRDPEDPSAVALKEPWQEKVRRIREGSPYGH
LPNWRLLSVIVKCGDDLRQELLAFQVLKQLQSIWEQERVPLWIKPYKILVISADSGMIEPVVNAVSIHQVKKQSQLSLLD
YFLQEHGSYTTEAFLSAQRNFVQSCAGYCLVCYLLQVKDRHNGNILLDAEGHIIHIDFGFILSSSPRNLGFETSAFKLTT
EFVDVMGGLDGDMFNYYKMLMLQGLIAARKHMDKVVQIVEIMQQGSQLPCFHGSSTIRNLKERFHMSMTEEQLQLLVEQM
VDGSMRSITTKLYDGFQYLTNGIM
;
_entity_poly.pdbx_strand_id   A
#
# COMPACT_ATOMS: atom_id res chain seq x y z
N PRO A 15 -4.55 12.82 33.69
CA PRO A 15 -4.73 13.18 32.27
C PRO A 15 -3.62 12.60 31.39
N VAL A 16 -3.96 12.33 30.13
CA VAL A 16 -3.02 11.84 29.14
C VAL A 16 -2.06 12.98 28.78
N ARG A 17 -0.77 12.80 29.07
CA ARG A 17 0.26 13.79 28.78
C ARG A 17 0.81 13.57 27.37
N LEU A 18 1.11 14.68 26.67
CA LEU A 18 1.57 14.62 25.30
C LEU A 18 3.10 14.62 25.21
N ALA A 19 3.80 15.17 26.21
CA ALA A 19 5.25 15.25 26.15
C ALA A 19 5.87 13.85 26.01
N PRO A 20 5.43 12.81 26.76
CA PRO A 20 5.98 11.46 26.59
C PRO A 20 5.84 10.94 25.16
N GLU A 21 4.68 11.21 24.55
CA GLU A 21 4.42 10.77 23.19
C GLU A 21 5.31 11.51 22.22
N ARG A 22 5.46 12.83 22.41
N ARG A 22 5.46 12.83 22.41
CA ARG A 22 6.31 13.63 21.56
CA ARG A 22 6.32 13.64 21.58
C ARG A 22 7.74 13.08 21.61
C ARG A 22 7.74 13.08 21.60
N GLU A 23 8.23 12.79 22.81
CA GLU A 23 9.58 12.29 22.99
C GLU A 23 9.74 10.91 22.37
N PHE A 24 8.70 10.07 22.47
CA PHE A 24 8.72 8.74 21.85
C PHE A 24 8.89 8.88 20.34
N ILE A 25 8.03 9.68 19.70
CA ILE A 25 8.11 9.85 18.28
C ILE A 25 9.45 10.47 17.88
N LYS A 26 9.90 11.50 18.61
CA LYS A 26 11.19 12.11 18.35
C LYS A 26 12.33 11.09 18.46
N SER A 27 12.24 10.17 19.42
N SER A 27 12.24 10.16 19.42
CA SER A 27 13.27 9.18 19.64
CA SER A 27 13.28 9.17 19.63
C SER A 27 13.43 8.29 18.41
C SER A 27 13.44 8.30 18.39
N LEU A 28 12.31 7.95 17.77
CA LEU A 28 12.35 7.12 16.56
C LEU A 28 13.05 7.89 15.43
N MET A 29 12.78 9.21 15.33
N MET A 29 12.82 9.21 15.37
CA MET A 29 13.39 10.05 14.33
CA MET A 29 13.37 10.03 14.30
C MET A 29 14.87 10.24 14.61
C MET A 29 14.83 10.37 14.60
N ALA A 30 15.20 10.47 15.88
CA ALA A 30 16.58 10.77 16.27
C ALA A 30 17.49 9.62 15.83
N ILE A 31 16.97 8.38 15.92
CA ILE A 31 17.74 7.20 15.56
C ILE A 31 18.27 7.33 14.13
N GLY A 32 17.43 7.87 13.22
CA GLY A 32 17.81 7.99 11.81
C GLY A 32 19.02 8.88 11.57
N LYS A 33 19.16 9.95 12.36
CA LYS A 33 20.29 10.84 12.24
C LYS A 33 21.59 10.11 12.57
N ARG A 34 21.52 9.14 13.50
CA ARG A 34 22.70 8.39 13.87
C ARG A 34 22.99 7.28 12.87
N LEU A 35 21.96 6.71 12.25
CA LEU A 35 22.15 5.78 11.14
C LEU A 35 22.87 6.45 9.97
N ALA A 36 22.60 7.74 9.75
CA ALA A 36 23.17 8.49 8.63
C ALA A 36 24.68 8.63 8.73
N THR A 37 25.25 8.45 9.94
CA THR A 37 26.69 8.58 10.09
C THR A 37 27.44 7.36 9.55
N LEU A 38 26.70 6.30 9.19
CA LEU A 38 27.27 5.03 8.75
C LEU A 38 26.96 4.83 7.27
N PRO A 39 27.90 4.28 6.46
CA PRO A 39 27.72 4.16 5.02
C PRO A 39 26.89 2.99 4.49
N THR A 40 27.02 1.81 5.11
CA THR A 40 26.37 0.62 4.57
C THR A 40 25.13 0.24 5.39
N LYS A 41 24.20 -0.44 4.71
CA LYS A 41 22.99 -0.99 5.31
C LYS A 41 23.33 -1.89 6.48
N GLU A 42 24.43 -2.65 6.36
CA GLU A 42 24.83 -3.60 7.38
C GLU A 42 25.19 -2.87 8.68
N GLN A 43 26.01 -1.82 8.57
CA GLN A 43 26.42 -1.05 9.72
C GLN A 43 25.25 -0.28 10.34
N LYS A 44 24.40 0.27 9.48
CA LYS A 44 23.18 0.94 9.90
C LYS A 44 22.34 -0.04 10.72
N THR A 45 22.13 -1.26 10.19
CA THR A 45 21.32 -2.25 10.90
C THR A 45 21.89 -2.51 12.29
N GLN A 46 23.22 -2.67 12.39
CA GLN A 46 23.90 -2.90 13.65
C GLN A 46 23.67 -1.77 14.66
N ARG A 47 23.79 -0.52 14.20
CA ARG A 47 23.48 0.64 15.03
C ARG A 47 22.03 0.59 15.49
N LEU A 48 21.12 0.29 14.56
CA LEU A 48 19.69 0.35 14.84
C LEU A 48 19.31 -0.58 15.98
N ILE A 49 19.93 -1.77 15.99
CA ILE A 49 19.64 -2.80 16.98
C ILE A 49 20.02 -2.27 18.37
N SER A 50 21.21 -1.68 18.45
CA SER A 50 21.69 -1.04 19.65
C SER A 50 20.78 0.12 20.09
N GLU A 51 20.30 0.92 19.14
CA GLU A 51 19.44 2.06 19.45
C GLU A 51 18.11 1.60 20.05
N LEU A 52 17.54 0.53 19.49
CA LEU A 52 16.25 0.06 19.96
C LEU A 52 16.38 -0.57 21.34
N SER A 53 17.55 -1.14 21.61
CA SER A 53 17.84 -1.69 22.92
C SER A 53 17.70 -0.61 23.99
N LEU A 54 18.29 0.58 23.74
CA LEU A 54 18.17 1.74 24.62
C LEU A 54 16.71 2.13 24.85
N LEU A 55 15.94 2.08 23.76
CA LEU A 55 14.57 2.54 23.79
C LEU A 55 13.80 1.73 24.84
N ASN A 56 14.14 0.44 24.98
CA ASN A 56 13.41 -0.44 25.88
C ASN A 56 13.68 -0.09 27.34
N HIS A 57 14.74 0.66 27.64
CA HIS A 57 14.95 1.12 29.00
C HIS A 57 13.74 1.91 29.50
N LYS A 58 13.07 2.61 28.58
CA LYS A 58 12.01 3.54 28.96
C LYS A 58 10.62 2.94 28.74
N LEU A 59 10.52 1.63 28.42
CA LEU A 59 9.24 1.00 28.14
C LEU A 59 8.97 -0.09 29.18
N PRO A 60 7.70 -0.43 29.52
CA PRO A 60 6.51 0.24 29.01
C PRO A 60 6.38 1.69 29.44
N ALA A 61 5.58 2.46 28.69
CA ALA A 61 5.34 3.85 29.03
C ALA A 61 3.96 4.25 28.51
N ARG A 62 3.51 5.46 28.91
CA ARG A 62 2.25 6.01 28.44
C ARG A 62 2.45 6.66 27.08
N VAL A 63 2.81 5.82 26.10
CA VAL A 63 3.09 6.22 24.74
C VAL A 63 2.43 5.20 23.82
N TRP A 64 2.18 5.64 22.58
CA TRP A 64 1.41 4.87 21.64
C TRP A 64 1.95 5.05 20.23
N LEU A 65 1.68 4.04 19.38
CA LEU A 65 1.91 4.17 17.96
C LEU A 65 0.64 4.70 17.31
N PRO A 66 0.62 5.93 16.75
CA PRO A 66 -0.62 6.49 16.20
C PRO A 66 -1.23 5.70 15.03
N THR A 67 -0.42 4.83 14.39
CA THR A 67 -0.88 4.01 13.29
C THR A 67 -1.62 2.75 13.75
N ALA A 68 -1.74 2.54 15.06
CA ALA A 68 -2.36 1.33 15.57
C ALA A 68 -3.83 1.28 15.14
N GLY A 69 -4.58 2.35 15.44
CA GLY A 69 -6.00 2.42 15.15
C GLY A 69 -6.85 1.87 16.29
N PHE A 70 -6.20 1.49 17.38
CA PHE A 70 -6.85 0.98 18.58
C PHE A 70 -6.03 1.46 19.77
N ASP A 71 -6.69 1.64 20.91
CA ASP A 71 -6.03 2.15 22.09
C ASP A 71 -5.10 1.07 22.64
N HIS A 72 -3.93 1.52 23.11
CA HIS A 72 -2.89 0.60 23.57
C HIS A 72 -1.77 1.40 24.23
N HIS A 73 -0.85 0.67 24.88
CA HIS A 73 0.43 1.19 25.33
C HIS A 73 1.55 0.37 24.70
N VAL A 74 2.66 1.04 24.36
CA VAL A 74 3.86 0.37 23.88
C VAL A 74 4.58 -0.27 25.06
N VAL A 75 4.92 -1.56 24.92
CA VAL A 75 5.58 -2.28 26.02
C VAL A 75 7.02 -2.66 25.65
N ARG A 76 7.31 -2.87 24.37
CA ARG A 76 8.61 -3.39 23.97
C ARG A 76 8.85 -3.18 22.48
N VAL A 77 10.11 -2.97 22.14
CA VAL A 77 10.55 -3.00 20.75
C VAL A 77 11.57 -4.14 20.65
N PRO A 78 11.21 -5.27 20.02
CA PRO A 78 12.15 -6.38 19.81
C PRO A 78 13.32 -5.93 18.93
N HIS A 79 14.39 -5.53 19.59
CA HIS A 79 15.46 -4.76 18.98
C HIS A 79 16.19 -5.55 17.89
N THR A 80 16.30 -6.87 18.06
CA THR A 80 17.04 -7.68 17.09
C THR A 80 16.28 -7.87 15.78
N GLN A 81 14.97 -7.56 15.74
CA GLN A 81 14.10 -7.92 14.62
C GLN A 81 13.96 -6.79 13.60
N ALA A 82 14.59 -5.62 13.86
CA ALA A 82 14.42 -4.45 13.04
C ALA A 82 15.42 -4.46 11.89
N VAL A 83 15.07 -3.84 10.76
CA VAL A 83 15.96 -3.87 9.61
C VAL A 83 16.02 -2.49 8.94
N VAL A 84 17.21 -2.12 8.47
CA VAL A 84 17.37 -0.93 7.65
C VAL A 84 17.23 -1.34 6.19
N LEU A 85 16.56 -0.52 5.38
CA LEU A 85 16.04 -1.02 4.11
C LEU A 85 17.00 -0.75 2.95
N ASN A 86 17.91 0.21 3.09
CA ASN A 86 18.92 0.45 2.07
C ASN A 86 20.11 1.18 2.68
N SER A 87 21.04 1.60 1.81
CA SER A 87 22.29 2.22 2.22
C SER A 87 22.25 3.73 2.01
N LYS A 88 21.06 4.29 1.75
CA LYS A 88 20.94 5.72 1.52
C LYS A 88 21.26 6.52 2.80
N ASP A 89 21.63 7.79 2.61
CA ASP A 89 21.99 8.67 3.71
C ASP A 89 20.84 8.82 4.70
N LYS A 90 19.60 8.85 4.18
CA LYS A 90 18.43 8.88 5.03
C LYS A 90 17.62 7.61 4.75
N ALA A 91 18.30 6.47 4.94
CA ALA A 91 17.74 5.15 4.72
C ALA A 91 16.51 4.94 5.58
N PRO A 92 15.38 4.45 5.00
CA PRO A 92 14.24 4.00 5.80
C PRO A 92 14.61 2.81 6.69
N TYR A 93 13.99 2.72 7.87
CA TYR A 93 14.20 1.54 8.71
C TYR A 93 12.87 1.03 9.24
N LEU A 94 12.79 -0.29 9.35
CA LEU A 94 11.56 -1.01 9.67
C LEU A 94 11.69 -1.59 11.07
N ILE A 95 10.75 -1.23 11.95
CA ILE A 95 10.76 -1.75 13.30
C ILE A 95 9.45 -2.46 13.58
N TYR A 96 9.52 -3.41 14.50
CA TYR A 96 8.35 -4.06 15.05
C TYR A 96 8.18 -3.56 16.47
N VAL A 97 6.92 -3.34 16.89
CA VAL A 97 6.60 -2.72 18.16
C VAL A 97 5.53 -3.55 18.84
N GLU A 98 5.83 -4.00 20.06
CA GLU A 98 4.87 -4.74 20.84
C GLU A 98 4.03 -3.78 21.69
N VAL A 99 2.72 -3.99 21.65
CA VAL A 99 1.79 -3.16 22.36
C VAL A 99 0.82 -4.06 23.12
N LEU A 100 0.20 -3.49 24.16
CA LEU A 100 -0.91 -4.14 24.85
C LEU A 100 -2.16 -3.30 24.60
N GLU A 101 -3.12 -3.93 23.93
CA GLU A 101 -4.38 -3.28 23.62
C GLU A 101 -5.14 -3.07 24.91
N CYS A 102 -5.85 -1.95 24.99
CA CYS A 102 -6.73 -1.68 26.11
C CYS A 102 -8.04 -1.13 25.55
N GLU A 103 -9.09 -1.21 26.37
CA GLU A 103 -10.42 -0.78 25.96
C GLU A 103 -10.45 0.74 25.87
N ASN A 104 -10.05 1.41 26.95
CA ASN A 104 -10.12 2.87 27.08
C ASN A 104 -8.79 3.40 27.62
N PHE A 105 -8.08 4.15 26.77
CA PHE A 105 -6.72 4.57 27.08
C PHE A 105 -6.69 5.40 28.36
N ASP A 106 -7.66 6.31 28.51
CA ASP A 106 -7.56 7.33 29.54
C ASP A 106 -7.95 6.75 30.90
N THR A 107 -8.55 5.54 30.93
CA THR A 107 -8.91 4.91 32.20
C THR A 107 -8.08 3.65 32.45
N THR A 108 -7.07 3.38 31.60
CA THR A 108 -6.20 2.22 31.78
C THR A 108 -4.83 2.67 32.29
N SER A 109 -4.33 1.95 33.31
CA SER A 109 -2.99 2.18 33.84
C SER A 109 -1.94 1.66 32.85
N VAL A 110 -0.72 2.21 32.93
CA VAL A 110 0.38 1.74 32.11
C VAL A 110 0.74 0.32 32.55
N PRO A 111 0.87 -0.65 31.62
CA PRO A 111 1.24 -2.01 32.00
C PRO A 111 2.51 -2.08 32.83
N ALA A 112 2.57 -3.07 33.72
CA ALA A 112 3.76 -3.31 34.52
C ALA A 112 4.86 -3.83 33.61
N ARG A 113 6.08 -3.42 33.90
CA ARG A 113 7.27 -3.95 33.24
C ARG A 113 7.43 -5.41 33.64
N ILE A 114 7.89 -6.22 32.68
CA ILE A 114 8.23 -7.61 32.94
C ILE A 114 9.70 -7.80 32.54
N PRO A 115 10.57 -8.22 33.49
CA PRO A 115 11.98 -8.48 33.20
C PRO A 115 12.19 -9.42 32.01
N GLU A 116 13.25 -9.14 31.24
CA GLU A 116 13.69 -9.99 30.14
C GLU A 116 14.27 -11.30 30.69
N ALA A 138 16.44 -8.92 4.02
CA ALA A 138 16.12 -9.97 3.03
C ALA A 138 15.04 -10.91 3.59
N VAL A 139 15.36 -11.59 4.69
CA VAL A 139 14.50 -12.63 5.24
C VAL A 139 13.34 -11.98 5.97
N ALA A 140 13.60 -10.88 6.69
CA ALA A 140 12.59 -10.16 7.43
C ALA A 140 11.41 -9.77 6.52
N LEU A 141 11.72 -9.47 5.26
CA LEU A 141 10.73 -9.02 4.29
C LEU A 141 10.00 -10.21 3.67
N LYS A 142 10.75 -11.26 3.32
CA LYS A 142 10.21 -12.44 2.66
C LYS A 142 9.43 -13.30 3.66
N GLU A 143 10.03 -13.50 4.84
CA GLU A 143 9.50 -14.34 5.90
C GLU A 143 8.00 -14.14 6.10
N PRO A 144 7.19 -15.22 6.25
CA PRO A 144 5.76 -15.08 6.48
C PRO A 144 5.49 -14.34 7.79
N TRP A 145 4.51 -13.43 7.77
CA TRP A 145 4.20 -12.57 8.90
C TRP A 145 3.85 -13.42 10.12
N GLN A 146 3.07 -14.49 9.90
N GLN A 146 3.09 -14.50 9.92
CA GLN A 146 2.63 -15.37 10.97
CA GLN A 146 2.64 -15.32 11.02
C GLN A 146 3.84 -15.98 11.66
C GLN A 146 3.84 -16.01 11.67
N GLU A 147 4.89 -16.27 10.88
CA GLU A 147 6.11 -16.85 11.41
C GLU A 147 6.86 -15.81 12.24
N LYS A 148 6.89 -14.57 11.76
CA LYS A 148 7.55 -13.50 12.49
C LYS A 148 6.81 -13.21 13.79
N VAL A 149 5.48 -13.20 13.75
CA VAL A 149 4.70 -12.95 14.95
C VAL A 149 4.98 -14.06 15.96
N ARG A 150 5.06 -15.30 15.47
CA ARG A 150 5.28 -16.45 16.34
C ARG A 150 6.61 -16.30 17.08
N ARG A 151 7.69 -16.05 16.33
CA ARG A 151 9.03 -15.95 16.90
C ARG A 151 9.10 -14.81 17.90
N ILE A 152 8.50 -13.66 17.58
CA ILE A 152 8.63 -12.51 18.44
C ILE A 152 7.84 -12.74 19.72
N ARG A 153 6.66 -13.33 19.60
CA ARG A 153 5.82 -13.61 20.75
C ARG A 153 6.55 -14.56 21.71
N GLU A 154 7.18 -15.59 21.13
CA GLU A 154 7.93 -16.59 21.88
C GLU A 154 9.09 -15.93 22.64
N GLY A 155 9.74 -14.95 22.02
CA GLY A 155 10.90 -14.30 22.62
C GLY A 155 10.54 -13.20 23.63
N SER A 156 9.27 -12.76 23.64
CA SER A 156 8.90 -11.58 24.42
C SER A 156 8.43 -11.97 25.82
N PRO A 157 8.84 -11.19 26.86
CA PRO A 157 8.28 -11.33 28.19
C PRO A 157 6.78 -11.02 28.27
N TYR A 158 6.23 -10.37 27.23
CA TYR A 158 4.84 -9.95 27.22
C TYR A 158 3.99 -10.84 26.33
N GLY A 159 4.63 -11.78 25.63
CA GLY A 159 3.99 -12.54 24.56
C GLY A 159 2.85 -13.44 25.02
N HIS A 160 2.77 -13.67 26.34
CA HIS A 160 1.76 -14.56 26.91
C HIS A 160 0.45 -13.83 27.15
N LEU A 161 0.45 -12.50 27.11
CA LEU A 161 -0.74 -11.76 27.48
C LEU A 161 -1.71 -11.79 26.30
N PRO A 162 -3.03 -11.93 26.55
CA PRO A 162 -4.01 -12.02 25.48
C PRO A 162 -4.24 -10.71 24.73
N ASN A 163 -3.82 -9.58 25.32
CA ASN A 163 -4.02 -8.29 24.69
C ASN A 163 -2.73 -7.83 24.01
N TRP A 164 -1.75 -8.72 23.90
CA TRP A 164 -0.51 -8.47 23.19
C TRP A 164 -0.76 -8.41 21.68
N ARG A 165 -0.20 -7.40 21.04
CA ARG A 165 -0.28 -7.25 19.59
C ARG A 165 1.06 -6.75 19.06
N LEU A 166 1.40 -7.22 17.86
CA LEU A 166 2.60 -6.78 17.17
C LEU A 166 2.21 -5.84 16.03
N LEU A 167 2.79 -4.64 16.10
CA LEU A 167 2.66 -3.63 15.06
C LEU A 167 4.00 -3.47 14.35
N SER A 168 3.95 -2.79 13.20
CA SER A 168 5.11 -2.45 12.41
C SER A 168 5.01 -1.00 11.94
N VAL A 169 6.15 -0.31 11.87
CA VAL A 169 6.24 0.97 11.19
C VAL A 169 7.56 1.03 10.45
N ILE A 170 7.54 1.72 9.32
CA ILE A 170 8.76 2.11 8.63
C ILE A 170 8.97 3.60 8.90
N VAL A 171 10.14 3.93 9.43
CA VAL A 171 10.50 5.31 9.74
C VAL A 171 11.34 5.87 8.59
N LYS A 172 10.89 7.01 8.04
CA LYS A 172 11.53 7.66 6.91
C LYS A 172 11.92 9.07 7.35
N CYS A 173 13.19 9.26 7.71
N CYS A 173 13.20 9.27 7.69
CA CYS A 173 13.64 10.52 8.28
CA CYS A 173 13.67 10.54 8.24
C CYS A 173 14.20 11.47 7.21
C CYS A 173 13.94 11.59 7.17
N GLY A 174 14.00 11.17 5.92
CA GLY A 174 14.41 12.08 4.85
C GLY A 174 13.49 12.08 3.64
N ASP A 175 12.26 11.56 3.82
CA ASP A 175 11.30 11.47 2.73
C ASP A 175 10.08 12.30 3.08
N ASP A 176 9.66 13.12 2.11
CA ASP A 176 8.42 13.85 2.20
C ASP A 176 7.28 12.87 1.93
N LEU A 177 6.41 12.68 2.94
CA LEU A 177 5.33 11.70 2.84
C LEU A 177 3.97 12.37 2.62
N ARG A 178 3.93 13.68 2.31
CA ARG A 178 2.65 14.35 2.17
C ARG A 178 1.89 13.86 0.94
N GLN A 179 2.61 13.48 -0.12
CA GLN A 179 1.99 12.85 -1.28
C GLN A 179 1.41 11.48 -0.92
N GLU A 180 2.13 10.70 -0.12
CA GLU A 180 1.61 9.44 0.38
C GLU A 180 0.37 9.71 1.24
N LEU A 181 0.39 10.74 2.09
CA LEU A 181 -0.77 11.01 2.93
C LEU A 181 -1.98 11.35 2.07
N LEU A 182 -1.78 12.16 1.02
CA LEU A 182 -2.86 12.55 0.12
C LEU A 182 -3.49 11.32 -0.53
N ALA A 183 -2.63 10.43 -1.02
CA ALA A 183 -3.05 9.18 -1.61
C ALA A 183 -3.88 8.38 -0.59
N PHE A 184 -3.37 8.26 0.64
CA PHE A 184 -4.08 7.53 1.67
C PHE A 184 -5.50 8.09 1.85
N GLN A 185 -5.61 9.43 1.93
CA GLN A 185 -6.90 10.09 2.15
C GLN A 185 -7.85 9.83 0.98
N VAL A 186 -7.32 9.92 -0.24
CA VAL A 186 -8.12 9.66 -1.43
C VAL A 186 -8.54 8.18 -1.46
N LEU A 187 -7.61 7.27 -1.16
CA LEU A 187 -7.92 5.85 -1.15
C LEU A 187 -9.03 5.54 -0.15
N LYS A 188 -8.98 6.13 1.04
N LYS A 188 -8.99 6.14 1.04
CA LYS A 188 -10.01 5.90 2.04
CA LYS A 188 -10.01 5.89 2.04
C LYS A 188 -11.37 6.41 1.56
C LYS A 188 -11.37 6.42 1.56
N GLN A 189 -11.36 7.54 0.84
CA GLN A 189 -12.60 8.15 0.36
C GLN A 189 -13.22 7.26 -0.72
N LEU A 190 -12.38 6.71 -1.60
CA LEU A 190 -12.87 5.80 -2.63
C LEU A 190 -13.50 4.56 -1.99
N GLN A 191 -12.89 4.00 -0.93
CA GLN A 191 -13.49 2.86 -0.26
C GLN A 191 -14.86 3.23 0.28
N SER A 192 -14.96 4.41 0.88
CA SER A 192 -16.23 4.89 1.40
C SER A 192 -17.26 5.01 0.28
N ILE A 193 -16.83 5.56 -0.87
CA ILE A 193 -17.71 5.72 -2.02
C ILE A 193 -18.19 4.37 -2.54
N TRP A 194 -17.24 3.44 -2.76
CA TRP A 194 -17.58 2.12 -3.24
C TRP A 194 -18.46 1.37 -2.24
N GLU A 195 -18.22 1.53 -0.93
CA GLU A 195 -19.11 0.92 0.05
C GLU A 195 -20.53 1.47 -0.09
N GLN A 196 -20.63 2.81 -0.16
CA GLN A 196 -21.89 3.51 -0.26
C GLN A 196 -22.67 3.04 -1.49
N GLU A 197 -21.97 2.83 -2.61
CA GLU A 197 -22.61 2.49 -3.87
C GLU A 197 -22.70 0.98 -4.09
N ARG A 198 -22.24 0.19 -3.10
CA ARG A 198 -22.32 -1.27 -3.11
C ARG A 198 -21.62 -1.84 -4.35
N VAL A 199 -20.43 -1.30 -4.62
CA VAL A 199 -19.53 -1.83 -5.63
C VAL A 199 -18.41 -2.58 -4.92
N PRO A 200 -18.28 -3.91 -5.08
CA PRO A 200 -17.29 -4.69 -4.33
C PRO A 200 -15.84 -4.61 -4.83
N LEU A 201 -15.36 -3.41 -5.14
CA LEU A 201 -13.95 -3.19 -5.40
C LEU A 201 -13.19 -3.31 -4.09
N TRP A 202 -11.91 -3.70 -4.16
CA TRP A 202 -11.10 -3.89 -2.97
C TRP A 202 -9.77 -3.16 -3.14
N ILE A 203 -9.43 -2.35 -2.12
CA ILE A 203 -8.10 -1.79 -2.02
C ILE A 203 -7.68 -1.83 -0.55
N LYS A 204 -6.39 -1.60 -0.32
CA LYS A 204 -5.80 -1.63 1.01
C LYS A 204 -4.96 -0.36 1.17
N PRO A 205 -5.58 0.76 1.60
CA PRO A 205 -4.83 1.95 1.98
C PRO A 205 -3.92 1.58 3.14
N TYR A 206 -2.73 2.17 3.19
CA TYR A 206 -1.82 1.98 4.30
C TYR A 206 -1.53 3.31 4.98
N LYS A 207 -1.42 3.27 6.32
CA LYS A 207 -1.41 4.50 7.11
C LYS A 207 -0.09 5.26 6.98
N ILE A 208 -0.22 6.59 6.98
CA ILE A 208 0.87 7.53 6.84
C ILE A 208 0.79 8.54 8.00
N LEU A 209 1.92 8.72 8.69
N LEU A 209 1.92 8.76 8.67
CA LEU A 209 2.12 9.87 9.57
CA LEU A 209 2.06 9.88 9.59
C LEU A 209 3.11 10.82 8.90
C LEU A 209 3.11 10.83 9.03
N VAL A 210 2.72 12.07 8.77
CA VAL A 210 3.61 13.13 8.35
C VAL A 210 4.17 13.77 9.62
N ILE A 211 5.49 13.75 9.78
CA ILE A 211 6.10 14.37 10.93
C ILE A 211 6.51 15.78 10.50
N SER A 212 7.65 15.91 9.81
CA SER A 212 8.08 17.18 9.26
C SER A 212 7.80 17.20 7.76
N ALA A 213 8.16 18.30 7.08
CA ALA A 213 7.98 18.40 5.63
C ALA A 213 8.76 17.32 4.89
N ASP A 214 9.80 16.74 5.50
CA ASP A 214 10.61 15.75 4.80
C ASP A 214 10.90 14.57 5.72
N SER A 215 9.92 14.21 6.57
CA SER A 215 10.03 12.99 7.35
C SER A 215 8.65 12.46 7.74
N GLY A 216 8.60 11.16 8.04
CA GLY A 216 7.35 10.57 8.49
C GLY A 216 7.49 9.07 8.73
N MET A 217 6.33 8.42 8.91
N MET A 217 6.34 8.43 8.96
CA MET A 217 6.26 7.00 9.24
CA MET A 217 6.27 6.99 9.20
C MET A 217 5.13 6.38 8.44
C MET A 217 5.17 6.41 8.33
N ILE A 218 5.33 5.11 8.02
CA ILE A 218 4.32 4.35 7.30
C ILE A 218 4.08 3.05 8.04
N GLU A 219 2.81 2.63 8.10
CA GLU A 219 2.52 1.30 8.56
C GLU A 219 2.51 0.41 7.33
N PRO A 220 3.48 -0.51 7.19
CA PRO A 220 3.53 -1.31 5.96
C PRO A 220 2.38 -2.31 5.93
N VAL A 221 2.13 -2.85 4.73
CA VAL A 221 1.16 -3.92 4.58
C VAL A 221 1.87 -5.23 4.89
N VAL A 222 1.36 -6.00 5.85
CA VAL A 222 2.01 -7.24 6.22
C VAL A 222 1.24 -8.38 5.56
N ASN A 223 1.75 -9.60 5.66
CA ASN A 223 1.06 -10.76 5.10
C ASN A 223 0.81 -10.56 3.61
N ALA A 224 1.75 -9.89 2.95
CA ALA A 224 1.75 -9.74 1.50
C ALA A 224 3.20 -9.66 1.04
N VAL A 225 3.43 -10.18 -0.17
CA VAL A 225 4.75 -10.34 -0.76
C VAL A 225 4.70 -9.72 -2.16
N SER A 226 5.78 -9.04 -2.57
CA SER A 226 5.82 -8.43 -3.89
C SER A 226 5.63 -9.52 -4.94
N ILE A 227 5.02 -9.14 -6.08
CA ILE A 227 4.83 -10.08 -7.18
C ILE A 227 6.20 -10.62 -7.62
N HIS A 228 7.21 -9.74 -7.60
CA HIS A 228 8.57 -10.12 -7.93
C HIS A 228 8.98 -11.33 -7.10
N GLN A 229 8.84 -11.22 -5.78
CA GLN A 229 9.31 -12.25 -4.87
C GLN A 229 8.47 -13.52 -5.00
N VAL A 230 7.16 -13.39 -5.23
CA VAL A 230 6.31 -14.56 -5.34
C VAL A 230 6.79 -15.41 -6.53
N LYS A 231 7.10 -14.75 -7.64
CA LYS A 231 7.48 -15.42 -8.87
C LYS A 231 8.88 -16.01 -8.73
N LYS A 232 9.79 -15.27 -8.08
CA LYS A 232 11.15 -15.73 -7.88
C LYS A 232 11.16 -17.01 -7.04
N GLN A 233 10.53 -16.96 -5.86
CA GLN A 233 10.53 -18.07 -4.93
C GLN A 233 9.78 -19.27 -5.48
N SER A 234 8.71 -19.05 -6.26
CA SER A 234 7.86 -20.14 -6.71
C SER A 234 8.30 -20.67 -8.08
N GLN A 235 8.86 -19.78 -8.91
CA GLN A 235 9.16 -20.08 -10.31
C GLN A 235 7.88 -20.49 -11.05
N LEU A 236 6.73 -19.96 -10.61
CA LEU A 236 5.46 -20.25 -11.25
C LEU A 236 4.90 -18.97 -11.86
N SER A 237 4.06 -19.13 -12.88
CA SER A 237 3.17 -18.05 -13.30
C SER A 237 2.21 -17.77 -12.15
N LEU A 238 1.53 -16.62 -12.19
CA LEU A 238 0.58 -16.30 -11.13
C LEU A 238 -0.56 -17.30 -11.13
N LEU A 239 -1.03 -17.70 -12.33
CA LEU A 239 -2.11 -18.67 -12.43
C LEU A 239 -1.69 -19.96 -11.72
N ASP A 240 -0.52 -20.49 -12.04
CA ASP A 240 -0.11 -21.79 -11.52
C ASP A 240 0.16 -21.66 -10.02
N TYR A 241 0.59 -20.47 -9.58
CA TYR A 241 0.75 -20.20 -8.17
C TYR A 241 -0.61 -20.25 -7.48
N PHE A 242 -1.63 -19.61 -8.08
CA PHE A 242 -2.99 -19.66 -7.55
C PHE A 242 -3.48 -21.11 -7.49
N LEU A 243 -3.19 -21.89 -8.54
CA LEU A 243 -3.69 -23.25 -8.63
C LEU A 243 -3.06 -24.10 -7.53
N GLN A 244 -1.80 -23.81 -7.22
CA GLN A 244 -1.05 -24.57 -6.24
C GLN A 244 -1.42 -24.13 -4.83
N GLU A 245 -1.45 -22.81 -4.60
CA GLU A 245 -1.62 -22.27 -3.27
C GLU A 245 -3.08 -22.28 -2.84
N HIS A 246 -4.02 -22.08 -3.77
CA HIS A 246 -5.41 -21.94 -3.38
C HIS A 246 -6.15 -23.25 -3.62
N GLY A 247 -6.02 -23.78 -4.84
CA GLY A 247 -6.73 -24.98 -5.23
C GLY A 247 -6.97 -25.00 -6.73
N SER A 248 -7.40 -26.17 -7.21
N SER A 248 -7.34 -26.17 -7.26
CA SER A 248 -7.64 -26.39 -8.62
CA SER A 248 -7.56 -26.28 -8.70
C SER A 248 -8.93 -25.67 -9.05
C SER A 248 -8.88 -25.63 -9.06
N TYR A 249 -9.18 -25.64 -10.36
CA TYR A 249 -10.25 -24.86 -10.95
C TYR A 249 -11.62 -25.07 -10.31
N THR A 250 -11.93 -26.28 -9.85
CA THR A 250 -13.29 -26.57 -9.41
C THR A 250 -13.48 -26.26 -7.94
N THR A 251 -12.46 -25.69 -7.28
CA THR A 251 -12.51 -25.51 -5.84
C THR A 251 -13.01 -24.11 -5.51
N GLU A 252 -13.69 -24.03 -4.37
CA GLU A 252 -14.16 -22.78 -3.81
C GLU A 252 -12.98 -21.84 -3.58
N ALA A 253 -11.83 -22.39 -3.16
CA ALA A 253 -10.68 -21.57 -2.78
C ALA A 253 -10.09 -20.83 -3.97
N PHE A 254 -9.98 -21.54 -5.11
CA PHE A 254 -9.51 -20.93 -6.33
C PHE A 254 -10.45 -19.80 -6.76
N LEU A 255 -11.75 -20.09 -6.78
CA LEU A 255 -12.71 -19.11 -7.28
C LEU A 255 -12.71 -17.88 -6.37
N SER A 256 -12.66 -18.09 -5.05
N SER A 256 -12.66 -18.10 -5.05
N SER A 256 -12.63 -18.09 -5.05
CA SER A 256 -12.61 -17.01 -4.10
CA SER A 256 -12.59 -17.02 -4.09
CA SER A 256 -12.62 -16.98 -4.11
C SER A 256 -11.36 -16.14 -4.31
C SER A 256 -11.36 -16.15 -4.32
C SER A 256 -11.35 -16.14 -4.28
N ALA A 257 -10.20 -16.79 -4.49
CA ALA A 257 -8.94 -16.08 -4.73
C ALA A 257 -9.00 -15.28 -6.04
N GLN A 258 -9.54 -15.90 -7.08
CA GLN A 258 -9.74 -15.25 -8.37
C GLN A 258 -10.61 -14.02 -8.21
N ARG A 259 -11.71 -14.16 -7.47
CA ARG A 259 -12.62 -13.04 -7.24
C ARG A 259 -11.87 -11.91 -6.52
N ASN A 260 -11.07 -12.26 -5.52
CA ASN A 260 -10.30 -11.29 -4.76
C ASN A 260 -9.30 -10.57 -5.67
N PHE A 261 -8.64 -11.34 -6.53
CA PHE A 261 -7.70 -10.78 -7.48
C PHE A 261 -8.41 -9.77 -8.38
N VAL A 262 -9.58 -10.16 -8.91
CA VAL A 262 -10.31 -9.30 -9.84
C VAL A 262 -10.76 -8.02 -9.15
N GLN A 263 -11.27 -8.14 -7.92
CA GLN A 263 -11.84 -7.00 -7.22
C GLN A 263 -10.72 -6.01 -6.88
N SER A 264 -9.54 -6.53 -6.53
CA SER A 264 -8.42 -5.68 -6.18
C SER A 264 -7.78 -5.09 -7.44
N CYS A 265 -7.70 -5.89 -8.51
N CYS A 265 -7.77 -5.88 -8.52
CA CYS A 265 -7.24 -5.39 -9.79
CA CYS A 265 -7.24 -5.40 -9.79
C CYS A 265 -8.08 -4.21 -10.26
C CYS A 265 -8.08 -4.24 -10.31
N ALA A 266 -9.41 -4.35 -10.20
CA ALA A 266 -10.32 -3.29 -10.63
C ALA A 266 -10.15 -2.05 -9.74
N GLY A 267 -10.02 -2.29 -8.43
CA GLY A 267 -9.86 -1.19 -7.48
C GLY A 267 -8.61 -0.39 -7.80
N TYR A 268 -7.48 -1.09 -8.00
CA TYR A 268 -6.21 -0.41 -8.24
C TYR A 268 -6.14 0.17 -9.64
N CYS A 269 -6.80 -0.47 -10.61
CA CYS A 269 -6.94 0.15 -11.93
C CYS A 269 -7.52 1.55 -11.79
N LEU A 270 -8.61 1.68 -11.02
CA LEU A 270 -9.26 2.97 -10.89
C LEU A 270 -8.42 3.93 -10.05
N VAL A 271 -7.74 3.40 -9.03
CA VAL A 271 -6.86 4.25 -8.24
C VAL A 271 -5.77 4.82 -9.15
N CYS A 272 -5.13 3.96 -9.94
CA CYS A 272 -4.01 4.32 -10.79
C CYS A 272 -4.46 5.34 -11.83
N TYR A 273 -5.67 5.17 -12.37
CA TYR A 273 -6.16 6.10 -13.37
C TYR A 273 -6.47 7.45 -12.75
N LEU A 274 -7.28 7.46 -11.68
CA LEU A 274 -7.76 8.72 -11.14
C LEU A 274 -6.60 9.54 -10.56
N LEU A 275 -5.66 8.89 -9.87
CA LEU A 275 -4.56 9.59 -9.21
C LEU A 275 -3.32 9.67 -10.10
N GLN A 276 -3.32 8.95 -11.23
CA GLN A 276 -2.21 8.91 -12.17
C GLN A 276 -0.93 8.45 -11.47
N VAL A 277 -1.02 7.29 -10.85
CA VAL A 277 0.12 6.67 -10.20
C VAL A 277 1.04 6.11 -11.28
N LYS A 278 2.33 6.48 -11.22
CA LYS A 278 3.29 5.97 -12.19
C LYS A 278 4.17 4.91 -11.53
N ASP A 279 5.16 4.43 -12.29
CA ASP A 279 6.23 3.58 -11.77
C ASP A 279 5.63 2.30 -11.20
N ARG A 280 4.76 1.65 -11.97
CA ARG A 280 4.23 0.34 -11.60
C ARG A 280 5.18 -0.75 -12.09
N HIS A 281 5.57 -1.65 -11.19
CA HIS A 281 6.37 -2.82 -11.53
C HIS A 281 6.12 -3.87 -10.46
N ASN A 282 6.78 -5.03 -10.59
CA ASN A 282 6.48 -6.18 -9.76
C ASN A 282 7.06 -6.03 -8.36
N GLY A 283 7.87 -4.99 -8.15
CA GLY A 283 8.39 -4.64 -6.82
C GLY A 283 7.40 -3.84 -5.98
N ASN A 284 6.46 -3.12 -6.61
CA ASN A 284 5.57 -2.23 -5.87
C ASN A 284 4.12 -2.67 -6.03
N ILE A 285 3.94 -3.94 -6.42
CA ILE A 285 2.64 -4.58 -6.35
C ILE A 285 2.81 -5.81 -5.49
N LEU A 286 2.00 -5.90 -4.43
CA LEU A 286 2.09 -7.00 -3.48
C LEU A 286 0.89 -7.94 -3.69
N LEU A 287 1.07 -9.19 -3.30
CA LEU A 287 0.01 -10.19 -3.31
C LEU A 287 -0.19 -10.69 -1.89
N ASP A 288 -1.44 -10.66 -1.41
CA ASP A 288 -1.73 -11.16 -0.08
C ASP A 288 -2.17 -12.62 -0.16
N ALA A 289 -2.41 -13.24 1.00
CA ALA A 289 -2.70 -14.66 1.09
C ALA A 289 -4.13 -14.99 0.65
N GLU A 290 -4.95 -13.96 0.39
CA GLU A 290 -6.31 -14.18 -0.05
C GLU A 290 -6.44 -14.03 -1.57
N GLY A 291 -5.35 -13.65 -2.26
CA GLY A 291 -5.38 -13.40 -3.69
C GLY A 291 -5.54 -11.94 -4.12
N HIS A 292 -5.64 -10.99 -3.17
CA HIS A 292 -5.69 -9.59 -3.55
C HIS A 292 -4.29 -9.10 -3.95
N ILE A 293 -4.27 -8.15 -4.92
CA ILE A 293 -3.06 -7.35 -5.14
C ILE A 293 -3.19 -6.05 -4.37
N ILE A 294 -2.03 -5.49 -4.04
CA ILE A 294 -1.92 -4.25 -3.28
C ILE A 294 -0.80 -3.42 -3.91
N HIS A 295 -1.16 -2.24 -4.41
CA HIS A 295 -0.19 -1.31 -4.95
C HIS A 295 0.39 -0.50 -3.79
N ILE A 296 1.70 -0.28 -3.82
CA ILE A 296 2.37 0.54 -2.83
C ILE A 296 3.27 1.54 -3.54
N ASP A 297 3.64 2.58 -2.79
CA ASP A 297 4.60 3.59 -3.21
C ASP A 297 4.00 4.43 -4.32
N PHE A 298 3.29 5.49 -3.89
CA PHE A 298 2.70 6.46 -4.78
C PHE A 298 3.62 7.69 -4.84
N GLY A 299 4.87 7.47 -5.21
CA GLY A 299 5.85 8.53 -5.35
C GLY A 299 5.44 9.53 -6.44
N PHE A 300 5.11 8.98 -7.61
CA PHE A 300 4.77 9.76 -8.78
C PHE A 300 3.26 9.68 -9.01
N ILE A 301 2.53 10.73 -8.57
CA ILE A 301 1.09 10.82 -8.78
C ILE A 301 0.77 12.18 -9.40
N LEU A 302 -0.47 12.28 -9.89
CA LEU A 302 -1.01 13.50 -10.48
C LEU A 302 0.01 14.09 -11.46
N SER A 303 0.57 15.28 -11.18
CA SER A 303 1.45 15.94 -12.14
C SER A 303 2.93 15.71 -11.80
N SER A 304 3.28 14.55 -11.22
CA SER A 304 4.66 14.23 -10.90
C SER A 304 5.50 14.08 -12.17
N SER A 305 6.72 14.63 -12.12
CA SER A 305 7.72 14.48 -13.14
C SER A 305 8.49 13.16 -12.92
N PRO A 306 8.91 12.43 -13.99
CA PRO A 306 8.64 12.80 -15.38
C PRO A 306 7.30 12.30 -15.89
N ARG A 307 6.57 13.19 -16.60
CA ARG A 307 5.39 12.79 -17.34
C ARG A 307 5.84 11.85 -18.46
N ASN A 308 5.08 10.76 -18.66
CA ASN A 308 5.47 9.77 -19.65
C ASN A 308 5.13 10.28 -21.05
N LEU A 309 5.87 9.76 -22.01
CA LEU A 309 5.83 10.22 -23.39
C LEU A 309 5.28 9.11 -24.29
N GLY A 310 4.71 8.07 -23.66
CA GLY A 310 4.28 6.86 -24.35
C GLY A 310 2.79 6.85 -24.66
N PHE A 311 2.11 7.99 -24.47
CA PHE A 311 0.69 8.09 -24.73
C PHE A 311 -0.08 7.08 -23.87
N GLU A 312 0.31 6.98 -22.60
CA GLU A 312 -0.33 6.05 -21.66
C GLU A 312 -1.47 6.73 -20.91
N THR A 313 -2.61 6.03 -20.82
CA THR A 313 -3.73 6.52 -20.02
C THR A 313 -3.43 6.39 -18.53
N SER A 314 -2.67 5.34 -18.18
CA SER A 314 -2.41 4.98 -16.80
C SER A 314 -1.18 4.11 -16.75
N ALA A 315 -0.51 4.05 -15.59
CA ALA A 315 0.64 3.16 -15.44
C ALA A 315 0.16 1.79 -14.96
N PHE A 316 -1.16 1.65 -14.77
CA PHE A 316 -1.75 0.33 -14.53
C PHE A 316 -1.66 -0.50 -15.81
N LYS A 317 -0.94 -1.63 -15.74
CA LYS A 317 -0.82 -2.53 -16.89
C LYS A 317 -1.46 -3.87 -16.57
N LEU A 318 -2.22 -4.37 -17.54
CA LEU A 318 -2.82 -5.69 -17.46
C LEU A 318 -1.99 -6.60 -18.35
N THR A 319 -1.17 -7.43 -17.71
CA THR A 319 -0.25 -8.32 -18.40
C THR A 319 -0.92 -9.67 -18.69
N THR A 320 -0.24 -10.47 -19.53
CA THR A 320 -0.71 -11.78 -19.89
C THR A 320 -0.93 -12.61 -18.64
N GLU A 321 0.01 -12.50 -17.69
CA GLU A 321 -0.07 -13.23 -16.43
C GLU A 321 -1.35 -12.89 -15.69
N PHE A 322 -1.64 -11.58 -15.58
CA PHE A 322 -2.82 -11.09 -14.88
C PHE A 322 -4.09 -11.56 -15.59
N VAL A 323 -4.13 -11.41 -16.92
CA VAL A 323 -5.29 -11.80 -17.68
C VAL A 323 -5.52 -13.31 -17.53
N ASP A 324 -4.43 -14.11 -17.52
CA ASP A 324 -4.52 -15.55 -17.35
C ASP A 324 -5.13 -15.92 -15.99
N VAL A 325 -4.74 -15.21 -14.91
CA VAL A 325 -5.33 -15.47 -13.61
C VAL A 325 -6.85 -15.23 -13.69
N MET A 326 -7.28 -14.29 -14.55
CA MET A 326 -8.69 -13.96 -14.71
C MET A 326 -9.42 -14.84 -15.71
N GLY A 327 -8.79 -15.91 -16.21
CA GLY A 327 -9.45 -16.84 -17.12
C GLY A 327 -9.33 -16.46 -18.59
N GLY A 328 -8.47 -15.48 -18.91
CA GLY A 328 -8.22 -15.08 -20.28
C GLY A 328 -9.16 -13.98 -20.76
N LEU A 329 -8.94 -13.53 -22.01
CA LEU A 329 -9.61 -12.38 -22.59
C LEU A 329 -11.11 -12.63 -22.76
N ASP A 330 -11.51 -13.90 -22.95
CA ASP A 330 -12.92 -14.20 -23.13
C ASP A 330 -13.51 -14.74 -21.82
N GLY A 331 -12.77 -14.61 -20.73
CA GLY A 331 -13.13 -15.21 -19.46
C GLY A 331 -14.24 -14.46 -18.72
N ASP A 332 -15.04 -15.21 -17.97
CA ASP A 332 -16.11 -14.62 -17.18
C ASP A 332 -15.53 -13.66 -16.13
N MET A 333 -14.40 -14.03 -15.52
CA MET A 333 -13.84 -13.19 -14.46
C MET A 333 -13.25 -11.91 -15.05
N PHE A 334 -12.72 -11.99 -16.28
CA PHE A 334 -12.27 -10.81 -16.99
C PHE A 334 -13.44 -9.88 -17.32
N ASN A 335 -14.57 -10.46 -17.72
N ASN A 335 -14.58 -10.46 -17.70
CA ASN A 335 -15.77 -9.66 -17.96
CA ASN A 335 -15.77 -9.67 -17.96
C ASN A 335 -16.21 -8.98 -16.65
C ASN A 335 -16.21 -8.98 -16.66
N TYR A 336 -16.12 -9.71 -15.54
CA TYR A 336 -16.44 -9.17 -14.23
C TYR A 336 -15.55 -7.98 -13.88
N TYR A 337 -14.24 -8.14 -14.11
CA TYR A 337 -13.27 -7.07 -13.99
C TYR A 337 -13.76 -5.81 -14.71
N LYS A 338 -14.17 -5.95 -15.97
CA LYS A 338 -14.57 -4.77 -16.73
C LYS A 338 -15.85 -4.15 -16.18
N MET A 339 -16.80 -4.98 -15.73
CA MET A 339 -18.02 -4.50 -15.11
C MET A 339 -17.71 -3.72 -13.84
N LEU A 340 -16.80 -4.24 -13.01
CA LEU A 340 -16.42 -3.58 -11.78
C LEU A 340 -15.76 -2.24 -12.09
N MET A 341 -14.95 -2.20 -13.14
CA MET A 341 -14.29 -0.95 -13.51
C MET A 341 -15.36 0.09 -13.85
N LEU A 342 -16.36 -0.30 -14.64
CA LEU A 342 -17.43 0.60 -15.01
C LEU A 342 -18.22 1.07 -13.77
N GLN A 343 -18.68 0.12 -12.96
CA GLN A 343 -19.52 0.46 -11.81
C GLN A 343 -18.71 1.31 -10.83
N GLY A 344 -17.41 1.00 -10.67
CA GLY A 344 -16.55 1.76 -9.79
C GLY A 344 -16.36 3.20 -10.25
N LEU A 345 -16.27 3.39 -11.57
CA LEU A 345 -16.10 4.72 -12.14
C LEU A 345 -17.41 5.50 -12.06
N ILE A 346 -18.54 4.82 -12.29
CA ILE A 346 -19.85 5.43 -12.11
C ILE A 346 -20.00 5.90 -10.65
N ALA A 347 -19.55 5.08 -9.70
CA ALA A 347 -19.65 5.43 -8.29
C ALA A 347 -18.78 6.64 -7.96
N ALA A 348 -17.54 6.62 -8.48
CA ALA A 348 -16.59 7.69 -8.24
C ALA A 348 -17.11 9.01 -8.77
N ARG A 349 -17.68 9.02 -9.97
CA ARG A 349 -18.06 10.32 -10.52
C ARG A 349 -19.31 10.81 -9.78
N LYS A 350 -20.17 9.90 -9.33
CA LYS A 350 -21.31 10.25 -8.50
C LYS A 350 -20.89 11.02 -7.25
N HIS A 351 -19.68 10.77 -6.74
CA HIS A 351 -19.19 11.36 -5.49
C HIS A 351 -17.92 12.16 -5.73
N MET A 352 -17.80 12.76 -6.92
CA MET A 352 -16.53 13.31 -7.36
C MET A 352 -16.02 14.38 -6.39
N ASP A 353 -16.94 15.21 -5.89
CA ASP A 353 -16.53 16.37 -5.12
C ASP A 353 -15.85 15.94 -3.82
N LYS A 354 -16.25 14.78 -3.28
CA LYS A 354 -15.66 14.26 -2.06
C LYS A 354 -14.18 13.94 -2.27
N VAL A 355 -13.81 13.46 -3.47
CA VAL A 355 -12.40 13.21 -3.77
C VAL A 355 -11.67 14.52 -4.08
N VAL A 356 -12.27 15.39 -4.91
CA VAL A 356 -11.58 16.58 -5.39
C VAL A 356 -11.24 17.48 -4.20
N GLN A 357 -12.18 17.62 -3.27
CA GLN A 357 -12.02 18.45 -2.09
C GLN A 357 -10.76 18.05 -1.33
N ILE A 358 -10.53 16.74 -1.19
CA ILE A 358 -9.37 16.24 -0.47
C ILE A 358 -8.11 16.78 -1.14
N VAL A 359 -8.07 16.75 -2.47
CA VAL A 359 -6.88 17.09 -3.23
C VAL A 359 -6.64 18.60 -3.15
N GLU A 360 -7.73 19.38 -3.19
CA GLU A 360 -7.65 20.83 -3.14
C GLU A 360 -7.15 21.28 -1.77
N ILE A 361 -7.68 20.66 -0.70
CA ILE A 361 -7.31 21.00 0.67
C ILE A 361 -5.81 20.79 0.86
N MET A 362 -5.25 19.77 0.22
CA MET A 362 -3.83 19.47 0.33
C MET A 362 -3.01 20.46 -0.50
N GLN A 363 -3.51 20.82 -1.70
CA GLN A 363 -2.78 21.67 -2.63
C GLN A 363 -2.54 23.05 -2.02
N GLN A 364 -3.53 23.54 -1.27
CA GLN A 364 -3.47 24.84 -0.62
C GLN A 364 -2.50 24.78 0.55
N GLY A 365 -2.74 23.84 1.47
CA GLY A 365 -1.96 23.72 2.70
C GLY A 365 -0.49 23.44 2.46
N SER A 366 -0.16 22.84 1.31
CA SER A 366 1.21 22.41 1.02
C SER A 366 1.66 22.94 -0.34
N GLN A 367 2.80 22.44 -0.84
CA GLN A 367 3.31 22.80 -2.15
C GLN A 367 4.21 21.68 -2.65
N LEU A 368 3.58 20.62 -3.18
CA LEU A 368 4.25 19.37 -3.46
C LEU A 368 4.58 19.25 -4.95
N PRO A 369 5.57 18.40 -5.33
CA PRO A 369 5.92 18.19 -6.73
C PRO A 369 4.90 17.45 -7.60
N CYS A 370 3.88 16.85 -6.97
CA CYS A 370 2.78 16.24 -7.71
C CYS A 370 1.80 17.31 -8.21
N PHE A 371 1.94 18.55 -7.72
CA PHE A 371 1.14 19.67 -8.17
C PHE A 371 1.93 20.54 -9.15
N HIS A 372 1.22 21.06 -10.16
CA HIS A 372 1.79 21.97 -11.15
C HIS A 372 0.71 22.97 -11.55
N GLY A 373 0.49 23.97 -10.68
CA GLY A 373 -0.52 25.00 -10.92
C GLY A 373 -1.94 24.44 -10.86
N SER A 374 -2.82 25.05 -11.65
CA SER A 374 -4.26 24.83 -11.56
C SER A 374 -4.70 23.72 -12.52
N SER A 375 -3.80 23.28 -13.40
CA SER A 375 -4.11 22.22 -14.36
C SER A 375 -4.26 20.87 -13.66
N THR A 376 -3.71 20.73 -12.45
CA THR A 376 -3.73 19.45 -11.76
C THR A 376 -5.16 19.08 -11.39
N ILE A 377 -5.90 20.03 -10.81
CA ILE A 377 -7.27 19.82 -10.39
C ILE A 377 -8.18 19.70 -11.61
N ARG A 378 -8.00 20.57 -12.61
CA ARG A 378 -8.77 20.49 -13.84
C ARG A 378 -8.65 19.08 -14.43
N ASN A 379 -7.41 18.59 -14.54
CA ASN A 379 -7.16 17.31 -15.19
C ASN A 379 -7.79 16.18 -14.36
N LEU A 380 -7.72 16.30 -13.04
CA LEU A 380 -8.33 15.31 -12.16
C LEU A 380 -9.84 15.23 -12.39
N LYS A 381 -10.52 16.39 -12.44
CA LYS A 381 -11.96 16.41 -12.65
C LYS A 381 -12.29 15.79 -14.01
N GLU A 382 -11.48 16.08 -15.02
CA GLU A 382 -11.72 15.57 -16.36
C GLU A 382 -11.65 14.04 -16.41
N ARG A 383 -10.86 13.43 -15.52
CA ARG A 383 -10.76 11.97 -15.45
C ARG A 383 -11.98 11.30 -14.82
N PHE A 384 -12.95 12.08 -14.32
CA PHE A 384 -14.22 11.54 -13.87
C PHE A 384 -15.27 11.55 -14.97
N HIS A 385 -14.97 12.16 -16.12
CA HIS A 385 -15.80 12.06 -17.32
C HIS A 385 -17.26 12.42 -17.03
N MET A 386 -17.47 13.58 -16.41
CA MET A 386 -18.79 13.96 -15.94
C MET A 386 -19.77 14.22 -17.08
N SER A 387 -19.26 14.52 -18.30
CA SER A 387 -20.15 14.83 -19.42
C SER A 387 -20.70 13.56 -20.08
N MET A 388 -20.12 12.39 -19.77
CA MET A 388 -20.47 11.18 -20.50
C MET A 388 -21.73 10.53 -19.94
N THR A 389 -22.51 9.92 -20.83
CA THR A 389 -23.55 8.99 -20.43
C THR A 389 -22.89 7.68 -19.99
N GLU A 390 -23.66 6.81 -19.32
CA GLU A 390 -23.14 5.53 -18.85
C GLU A 390 -22.80 4.63 -20.04
N GLU A 391 -23.52 4.82 -21.14
CA GLU A 391 -23.25 4.09 -22.36
C GLU A 391 -21.86 4.47 -22.90
N GLN A 392 -21.61 5.78 -22.94
CA GLN A 392 -20.32 6.30 -23.34
C GLN A 392 -19.23 5.87 -22.36
N LEU A 393 -19.50 5.93 -21.04
CA LEU A 393 -18.54 5.46 -20.04
C LEU A 393 -18.14 4.01 -20.30
N GLN A 394 -19.11 3.16 -20.68
CA GLN A 394 -18.84 1.75 -20.92
C GLN A 394 -17.87 1.58 -22.09
N LEU A 395 -18.04 2.38 -23.14
CA LEU A 395 -17.17 2.36 -24.30
C LEU A 395 -15.77 2.84 -23.91
N LEU A 396 -15.72 3.86 -23.04
CA LEU A 396 -14.46 4.36 -22.51
C LEU A 396 -13.71 3.28 -21.73
N VAL A 397 -14.42 2.57 -20.85
CA VAL A 397 -13.82 1.48 -20.09
C VAL A 397 -13.25 0.43 -21.03
N GLU A 398 -14.00 0.07 -22.09
CA GLU A 398 -13.49 -0.91 -23.04
C GLU A 398 -12.19 -0.41 -23.65
N GLN A 399 -12.15 0.87 -24.01
CA GLN A 399 -10.95 1.50 -24.56
C GLN A 399 -9.80 1.47 -23.55
N MET A 400 -10.06 1.88 -22.31
CA MET A 400 -9.00 1.93 -21.31
C MET A 400 -8.42 0.54 -21.04
N VAL A 401 -9.29 -0.46 -20.93
CA VAL A 401 -8.86 -1.83 -20.67
C VAL A 401 -8.00 -2.34 -21.83
N ASP A 402 -8.41 -2.06 -23.07
CA ASP A 402 -7.62 -2.42 -24.24
C ASP A 402 -6.26 -1.73 -24.15
N GLY A 403 -6.24 -0.44 -23.82
CA GLY A 403 -4.99 0.29 -23.65
C GLY A 403 -4.07 -0.32 -22.59
N SER A 404 -4.64 -0.77 -21.46
CA SER A 404 -3.84 -1.30 -20.36
C SER A 404 -3.13 -2.58 -20.77
N MET A 405 -3.59 -3.22 -21.85
CA MET A 405 -3.07 -4.50 -22.30
C MET A 405 -2.13 -4.32 -23.49
N ARG A 406 -1.64 -3.10 -23.74
CA ARG A 406 -0.97 -2.82 -24.99
C ARG A 406 0.39 -3.51 -25.05
N SER A 407 1.02 -3.73 -23.89
CA SER A 407 2.37 -4.28 -23.86
C SER A 407 2.36 -5.81 -23.94
N ILE A 408 1.17 -6.41 -23.98
CA ILE A 408 1.04 -7.82 -24.28
C ILE A 408 1.59 -8.05 -25.68
N THR A 409 2.44 -9.08 -25.82
CA THR A 409 3.21 -9.31 -27.04
C THR A 409 2.28 -9.37 -28.25
N THR A 410 1.12 -10.01 -28.06
CA THR A 410 0.11 -10.17 -29.09
C THR A 410 -0.28 -8.83 -29.73
N LYS A 411 -0.18 -7.73 -28.98
CA LYS A 411 -0.64 -6.44 -29.43
C LYS A 411 0.27 -5.90 -30.54
N LEU A 412 1.60 -6.04 -30.34
CA LEU A 412 2.58 -5.78 -31.38
C LEU A 412 2.26 -6.62 -32.62
N TYR A 413 1.85 -7.87 -32.37
CA TYR A 413 1.57 -8.84 -33.41
C TYR A 413 0.31 -8.45 -34.17
N ASP A 414 -0.73 -7.99 -33.44
CA ASP A 414 -2.10 -8.02 -33.96
C ASP A 414 -2.73 -6.63 -34.08
N GLY A 415 -1.93 -5.57 -34.25
CA GLY A 415 -2.49 -4.23 -34.38
C GLY A 415 -1.84 -3.43 -35.51
N PHE A 416 -1.31 -4.13 -36.51
CA PHE A 416 -0.67 -3.46 -37.64
C PHE A 416 -1.71 -2.76 -38.51
N GLN A 417 -3.00 -3.05 -38.32
CA GLN A 417 -4.02 -2.37 -39.10
C GLN A 417 -4.07 -0.88 -38.75
N TYR A 418 -3.58 -0.49 -37.57
CA TYR A 418 -3.54 0.91 -37.20
C TYR A 418 -2.28 1.62 -37.70
N LEU A 419 -1.29 0.85 -38.20
CA LEU A 419 0.01 1.37 -38.52
C LEU A 419 0.30 1.27 -40.03
N THR A 420 -0.50 0.47 -40.76
CA THR A 420 -0.34 0.31 -42.19
C THR A 420 -1.70 0.33 -42.87
N ASN A 421 -1.69 0.46 -44.21
CA ASN A 421 -2.92 0.44 -45.00
C ASN A 421 -3.53 -0.96 -45.10
N GLY A 422 -2.84 -1.98 -44.57
CA GLY A 422 -3.42 -3.31 -44.51
C GLY A 422 -4.56 -3.34 -43.50
N ILE A 423 -5.52 -4.26 -43.68
CA ILE A 423 -6.67 -4.34 -42.79
C ILE A 423 -6.41 -5.38 -41.69
N MET A 424 -5.23 -5.97 -41.71
CA MET A 424 -4.72 -6.73 -40.57
C MET A 424 -3.19 -6.63 -40.57
#